data_6XQ6
#
_entry.id   6XQ6
#
_cell.length_a   101.376
_cell.length_b   101.376
_cell.length_c   104.025
_cell.angle_alpha   90.000
_cell.angle_beta   90.000
_cell.angle_gamma   120.000
#
_symmetry.space_group_name_H-M   'P 62'
#
loop_
_entity.id
_entity.type
_entity.pdbx_description
1 polymer 'Advanced glycosylation end product-specific receptor'
2 non-polymer 'ACETATE ION'
3 non-polymer 'CHLORIDE ION'
4 non-polymer 3-phenoxyphenol
5 water water
#
_entity_poly.entity_id   1
_entity_poly.type   'polypeptide(L)'
_entity_poly.pdbx_seq_one_letter_code
;GAMAQNITARIGEPLVLKCKGAPKKPPQRLEWKLNTGRTEAWKVLSPQGGGPWDSVARVLPNGSLFLPAVGIQDEGIFRC
QAMNRNGKETKSNYRVRVYQIPGKPEIVDSASELTAGVPNKVGTCVSEGSYPAGTLSWHLDGKPLVPNEKGVSVKEQTRR
HPETGLFTLQSELMVTPARGGDPRPTFSCSFSPGLPRHRALRTAPIQPRVWE
;
_entity_poly.pdbx_strand_id   A,B
#
# COMPACT_ATOMS: atom_id res chain seq x y z
N GLY A 1 11.41 -17.92 15.50
CA GLY A 1 12.06 -17.25 14.38
C GLY A 1 12.73 -15.96 14.80
N ALA A 2 13.05 -15.10 13.83
CA ALA A 2 13.65 -13.82 14.20
C ALA A 2 12.52 -12.79 14.38
N MET A 3 12.88 -11.61 14.87
CA MET A 3 11.95 -10.47 14.92
C MET A 3 11.55 -10.10 13.50
N ALA A 4 10.26 -10.08 13.21
CA ALA A 4 9.86 -9.78 11.86
C ALA A 4 8.66 -8.84 11.85
N GLN A 5 8.43 -8.23 10.70
CA GLN A 5 7.18 -7.53 10.51
C GLN A 5 6.11 -8.53 10.03
N ASN A 6 4.95 -8.62 10.73
CA ASN A 6 3.91 -9.55 10.30
C ASN A 6 3.09 -8.90 9.16
N ILE A 7 2.92 -9.63 8.05
CA ILE A 7 2.19 -9.16 6.88
C ILE A 7 0.98 -10.08 6.73
N THR A 8 -0.24 -9.52 6.55
CA THR A 8 -1.42 -10.30 6.21
C THR A 8 -1.78 -9.93 4.77
N ALA A 9 -1.87 -10.92 3.90
CA ALA A 9 -2.02 -10.67 2.48
C ALA A 9 -3.25 -11.43 2.05
N ARG A 10 -4.15 -10.76 1.33
CA ARG A 10 -5.38 -11.36 0.85
C ARG A 10 -5.06 -12.23 -0.35
N ILE A 11 -5.61 -13.44 -0.35
CA ILE A 11 -5.38 -14.35 -1.46
C ILE A 11 -5.92 -13.74 -2.78
N GLY A 12 -5.15 -13.93 -3.84
CA GLY A 12 -5.57 -13.42 -5.15
C GLY A 12 -5.09 -12.01 -5.42
N GLU A 13 -4.60 -11.27 -4.38
CA GLU A 13 -4.18 -9.85 -4.49
C GLU A 13 -2.67 -9.78 -4.59
N PRO A 14 -2.12 -8.72 -5.21
CA PRO A 14 -0.66 -8.57 -5.23
C PRO A 14 -0.08 -8.26 -3.86
N LEU A 15 1.22 -8.54 -3.72
CA LEU A 15 1.95 -8.22 -2.52
C LEU A 15 3.30 -7.66 -2.93
N VAL A 16 3.69 -6.52 -2.33
CA VAL A 16 5.02 -5.91 -2.53
C VAL A 16 5.72 -5.86 -1.18
N LEU A 17 6.91 -6.48 -1.08
CA LEU A 17 7.65 -6.48 0.18
C LEU A 17 8.90 -5.65 -0.05
N LYS A 18 9.12 -4.65 0.81
CA LYS A 18 10.25 -3.74 0.61
C LYS A 18 11.58 -4.36 1.07
N CYS A 19 12.64 -4.15 0.29
CA CYS A 19 14.00 -4.54 0.73
C CYS A 19 14.64 -3.30 1.30
N LYS A 20 14.61 -3.17 2.62
CA LYS A 20 15.14 -1.97 3.27
C LYS A 20 16.65 -1.84 3.06
N GLY A 21 17.11 -0.58 2.91
CA GLY A 21 18.54 -0.33 2.73
C GLY A 21 19.14 -0.72 1.40
N ALA A 22 18.29 -0.99 0.34
CA ALA A 22 18.85 -1.26 -0.97
C ALA A 22 18.94 0.04 -1.76
N PRO A 23 19.93 0.16 -2.63
CA PRO A 23 19.98 1.30 -3.57
C PRO A 23 18.67 1.41 -4.33
N LYS A 24 18.35 2.64 -4.77
CA LYS A 24 17.03 2.91 -5.35
C LYS A 24 16.83 2.25 -6.71
N LYS A 25 17.90 1.92 -7.39
CA LYS A 25 17.77 1.26 -8.68
C LYS A 25 19.07 0.49 -8.90
N PRO A 26 19.10 -0.42 -9.88
CA PRO A 26 20.32 -1.22 -10.09
C PRO A 26 21.50 -0.33 -10.43
N PRO A 27 22.73 -0.80 -10.15
CA PRO A 27 23.08 -2.13 -9.63
C PRO A 27 22.92 -2.24 -8.09
N GLN A 28 22.42 -3.37 -7.59
CA GLN A 28 22.19 -3.55 -6.15
C GLN A 28 22.75 -4.89 -5.72
N ARG A 29 23.44 -4.89 -4.60
CA ARG A 29 23.91 -6.14 -3.98
C ARG A 29 22.81 -6.49 -2.97
N LEU A 30 21.84 -7.27 -3.42
CA LEU A 30 20.78 -7.69 -2.52
C LEU A 30 20.35 -9.09 -2.88
N GLU A 31 19.76 -9.77 -1.91
CA GLU A 31 19.34 -11.14 -2.17
C GLU A 31 18.07 -11.38 -1.37
N TRP A 32 17.04 -12.01 -1.99
CA TRP A 32 15.83 -12.38 -1.27
C TRP A 32 15.91 -13.89 -0.98
N LYS A 33 15.41 -14.29 0.17
CA LYS A 33 15.29 -15.70 0.54
C LYS A 33 13.87 -15.91 1.03
N LEU A 34 13.20 -17.00 0.61
CA LEU A 34 11.88 -17.23 1.15
C LEU A 34 11.72 -18.70 1.54
N ASN A 35 10.94 -18.93 2.58
CA ASN A 35 10.61 -20.31 2.99
C ASN A 35 9.11 -20.30 3.14
N THR A 36 8.42 -20.91 2.15
CA THR A 36 6.97 -20.94 2.10
C THR A 36 6.45 -22.33 1.79
N GLY A 37 5.16 -22.46 1.62
CA GLY A 37 4.60 -23.72 1.16
C GLY A 37 5.09 -24.14 -0.22
N ARG A 38 5.64 -23.22 -1.02
CA ARG A 38 6.21 -23.57 -2.32
C ARG A 38 7.65 -24.10 -2.23
N THR A 39 8.32 -23.97 -1.09
CA THR A 39 9.77 -24.21 -1.12
C THR A 39 10.14 -25.43 -0.29
N GLU A 40 11.32 -25.98 -0.57
CA GLU A 40 11.98 -26.94 0.30
C GLU A 40 12.99 -26.10 1.11
N ALA A 41 12.64 -25.74 2.33
CA ALA A 41 13.52 -24.87 3.19
C ALA A 41 13.70 -23.54 2.47
N TRP A 42 14.89 -22.91 2.51
CA TRP A 42 14.99 -21.59 1.91
CA TRP A 42 15.10 -21.59 1.92
C TRP A 42 15.28 -21.68 0.40
N LYS A 43 14.59 -20.81 -0.34
CA LYS A 43 14.83 -20.57 -1.76
C LYS A 43 15.40 -19.16 -1.93
N VAL A 44 16.49 -19.04 -2.70
CA VAL A 44 17.08 -17.72 -2.99
C VAL A 44 16.55 -17.16 -4.32
N LEU A 45 16.11 -15.91 -4.32
CA LEU A 45 15.64 -15.16 -5.48
C LEU A 45 16.54 -13.93 -5.68
N SER A 46 16.99 -13.68 -6.92
CA SER A 46 17.95 -12.63 -7.22
C SER A 46 17.34 -11.56 -8.12
N PRO A 47 17.93 -10.34 -8.19
CA PRO A 47 17.42 -9.34 -9.15
C PRO A 47 17.40 -9.87 -10.58
N GLN A 48 18.31 -10.82 -10.94
CA GLN A 48 18.32 -11.36 -12.31
C GLN A 48 17.08 -12.20 -12.62
N GLY A 49 16.53 -12.89 -11.62
CA GLY A 49 15.30 -13.62 -11.90
C GLY A 49 15.55 -14.79 -12.82
N GLY A 50 14.53 -15.17 -13.58
CA GLY A 50 14.58 -16.30 -14.47
C GLY A 50 13.81 -17.50 -13.94
N GLY A 51 13.36 -18.35 -14.87
CA GLY A 51 12.78 -19.62 -14.52
C GLY A 51 11.36 -19.54 -14.03
N PRO A 52 10.84 -20.67 -13.54
CA PRO A 52 9.43 -20.74 -13.10
C PRO A 52 9.09 -19.74 -12.00
N TRP A 53 10.07 -19.35 -11.17
CA TRP A 53 9.75 -18.44 -10.08
C TRP A 53 9.32 -17.09 -10.61
N ASP A 54 9.77 -16.71 -11.84
CA ASP A 54 9.35 -15.42 -12.40
C ASP A 54 7.83 -15.30 -12.50
N SER A 55 7.08 -16.41 -12.55
CA SER A 55 5.63 -16.35 -12.55
C SER A 55 5.03 -16.13 -11.17
N VAL A 56 5.81 -16.27 -10.12
CA VAL A 56 5.29 -16.31 -8.77
C VAL A 56 5.78 -15.12 -7.96
N ALA A 57 7.11 -14.85 -8.01
CA ALA A 57 7.70 -13.78 -7.21
C ALA A 57 8.91 -13.26 -7.97
N ARG A 58 8.97 -11.92 -8.15
CA ARG A 58 10.00 -11.24 -8.93
C ARG A 58 10.56 -10.08 -8.16
N VAL A 59 11.89 -9.88 -8.27
CA VAL A 59 12.52 -8.70 -7.69
C VAL A 59 12.33 -7.51 -8.64
N LEU A 60 11.85 -6.41 -8.11
CA LEU A 60 11.54 -5.21 -8.91
C LEU A 60 12.78 -4.33 -9.04
N PRO A 61 12.74 -3.33 -9.94
CA PRO A 61 13.91 -2.44 -10.09
C PRO A 61 14.35 -1.79 -8.80
N ASN A 62 13.42 -1.43 -7.90
CA ASN A 62 13.86 -0.88 -6.63
C ASN A 62 14.27 -1.96 -5.61
N GLY A 63 14.35 -3.22 -6.02
CA GLY A 63 14.77 -4.30 -5.09
C GLY A 63 13.65 -4.90 -4.26
N SER A 64 12.44 -4.34 -4.30
CA SER A 64 11.28 -4.97 -3.63
C SER A 64 10.91 -6.30 -4.28
N LEU A 65 10.33 -7.20 -3.47
CA LEU A 65 9.85 -8.48 -3.99
C LEU A 65 8.36 -8.35 -4.33
N PHE A 66 7.98 -8.79 -5.52
CA PHE A 66 6.61 -8.61 -5.97
C PHE A 66 5.99 -9.96 -6.27
N LEU A 67 4.81 -10.20 -5.67
CA LEU A 67 3.97 -11.36 -5.96
C LEU A 67 2.70 -10.86 -6.63
N PRO A 68 2.46 -11.20 -7.90
CA PRO A 68 1.27 -10.67 -8.62
C PRO A 68 -0.05 -11.16 -8.04
N ALA A 69 -0.10 -12.37 -7.49
CA ALA A 69 -1.38 -12.83 -6.93
C ALA A 69 -1.07 -13.87 -5.85
N VAL A 70 -1.22 -13.48 -4.60
CA VAL A 70 -0.81 -14.34 -3.48
C VAL A 70 -1.72 -15.56 -3.40
N GLY A 71 -1.14 -16.72 -3.04
CA GLY A 71 -1.95 -17.91 -2.82
C GLY A 71 -1.65 -18.49 -1.44
N ILE A 72 -2.45 -19.50 -1.07
CA ILE A 72 -2.25 -20.17 0.22
C ILE A 72 -0.81 -20.63 0.37
N GLN A 73 -0.20 -21.12 -0.73
CA GLN A 73 1.16 -21.68 -0.60
C GLN A 73 2.23 -20.61 -0.39
N ASP A 74 1.86 -19.33 -0.48
CA ASP A 74 2.85 -18.29 -0.23
C ASP A 74 2.95 -17.89 1.23
N GLU A 75 2.17 -18.51 2.13
CA GLU A 75 2.42 -18.33 3.57
C GLU A 75 3.82 -18.75 3.96
N GLY A 76 4.49 -17.92 4.79
CA GLY A 76 5.82 -18.35 5.25
C GLY A 76 6.65 -17.13 5.63
N ILE A 77 7.96 -17.22 5.40
CA ILE A 77 8.92 -16.22 5.83
C ILE A 77 9.64 -15.68 4.64
N PHE A 78 9.83 -14.36 4.58
CA PHE A 78 10.50 -13.71 3.44
C PHE A 78 11.60 -12.81 4.01
N ARG A 79 12.79 -12.86 3.45
CA ARG A 79 13.93 -12.11 3.99
C ARG A 79 14.72 -11.47 2.87
N CYS A 80 15.17 -10.24 3.10
CA CYS A 80 16.05 -9.56 2.18
C CYS A 80 17.32 -9.19 2.92
N GLN A 81 18.45 -9.29 2.21
CA GLN A 81 19.73 -8.81 2.74
C GLN A 81 20.30 -7.90 1.69
N ALA A 82 20.62 -6.65 2.06
CA ALA A 82 21.09 -5.73 1.02
C ALA A 82 22.29 -4.95 1.56
N MET A 83 23.17 -4.53 0.65
CA MET A 83 24.24 -3.58 0.95
C MET A 83 24.00 -2.26 0.23
N ASN A 84 24.10 -1.14 0.95
CA ASN A 84 24.02 0.18 0.31
C ASN A 84 25.39 0.55 -0.30
N ARG A 85 25.52 1.77 -0.85
CA ARG A 85 26.77 2.16 -1.52
C ARG A 85 27.93 2.32 -0.53
N ASN A 86 27.63 2.74 0.71
CA ASN A 86 28.65 2.78 1.76
C ASN A 86 29.20 1.38 2.04
N GLY A 87 28.31 0.38 2.15
CA GLY A 87 28.69 -0.99 2.48
C GLY A 87 27.95 -1.51 3.69
N LYS A 88 27.05 -0.70 4.26
CA LYS A 88 26.25 -1.12 5.41
C LYS A 88 25.26 -2.19 4.95
N GLU A 89 25.18 -3.30 5.70
CA GLU A 89 24.22 -4.36 5.40
C GLU A 89 22.93 -4.14 6.21
N THR A 90 21.79 -4.30 5.55
CA THR A 90 20.50 -4.14 6.20
C THR A 90 19.67 -5.41 5.88
N LYS A 91 19.02 -5.97 6.90
CA LYS A 91 18.12 -7.13 6.73
C LYS A 91 16.67 -6.71 6.86
N SER A 92 15.77 -7.37 6.09
CA SER A 92 14.35 -7.14 6.18
C SER A 92 13.76 -8.53 6.42
N ASN A 93 12.91 -8.66 7.42
CA ASN A 93 12.33 -9.96 7.76
CA ASN A 93 12.33 -9.96 7.80
C ASN A 93 10.83 -9.83 7.83
N TYR A 94 10.12 -10.63 7.02
CA TYR A 94 8.67 -10.57 6.94
C TYR A 94 8.08 -11.93 7.27
N ARG A 95 7.02 -11.95 8.04
CA ARG A 95 6.24 -13.16 8.27
C ARG A 95 4.92 -12.96 7.57
N VAL A 96 4.67 -13.71 6.50
CA VAL A 96 3.50 -13.48 5.66
C VAL A 96 2.43 -14.55 5.94
N ARG A 97 1.22 -14.08 6.28
CA ARG A 97 0.06 -14.93 6.52
CA ARG A 97 0.07 -14.94 6.50
C ARG A 97 -1.01 -14.53 5.52
N VAL A 98 -1.71 -15.50 4.93
CA VAL A 98 -2.65 -15.17 3.88
C VAL A 98 -4.06 -15.42 4.39
N TYR A 99 -5.02 -14.74 3.78
CA TYR A 99 -6.41 -14.89 4.19
C TYR A 99 -7.35 -14.67 3.02
N GLN A 100 -8.59 -15.15 3.19
CA GLN A 100 -9.67 -14.83 2.27
C GLN A 100 -10.94 -14.61 3.06
N ILE A 101 -11.71 -13.62 2.60
CA ILE A 101 -12.96 -13.24 3.25
C ILE A 101 -14.10 -14.04 2.63
N PRO A 102 -14.91 -14.76 3.40
CA PRO A 102 -15.96 -15.56 2.80
C PRO A 102 -17.12 -14.67 2.37
N GLY A 103 -18.07 -15.26 1.69
CA GLY A 103 -19.34 -14.59 1.48
C GLY A 103 -20.09 -14.39 2.81
N LYS A 104 -21.13 -13.59 2.74
CA LYS A 104 -21.97 -13.35 3.91
C LYS A 104 -22.52 -14.66 4.44
N PRO A 105 -22.57 -14.82 5.76
CA PRO A 105 -23.17 -16.04 6.30
C PRO A 105 -24.64 -16.05 5.92
N GLU A 106 -25.17 -17.25 5.69
CA GLU A 106 -26.55 -17.44 5.29
C GLU A 106 -27.20 -18.52 6.14
N ILE A 107 -28.45 -18.28 6.53
CA ILE A 107 -29.26 -19.32 7.16
C ILE A 107 -29.87 -20.17 6.08
N VAL A 108 -29.69 -21.47 6.18
CA VAL A 108 -30.15 -22.36 5.11
C VAL A 108 -31.32 -23.21 5.54
N ASP A 109 -31.57 -23.31 6.84
CA ASP A 109 -32.76 -23.98 7.31
C ASP A 109 -33.05 -23.37 8.66
N SER A 110 -34.32 -23.25 8.98
CA SER A 110 -34.68 -22.54 10.21
C SER A 110 -36.04 -23.03 10.68
N ALA A 111 -36.24 -22.98 11.98
CA ALA A 111 -37.50 -23.40 12.56
C ALA A 111 -38.43 -22.22 12.55
N SER A 112 -39.71 -22.47 12.27
CA SER A 112 -40.66 -21.39 12.43
C SER A 112 -41.40 -21.45 13.77
N GLU A 113 -41.41 -22.61 14.45
CA GLU A 113 -41.97 -22.73 15.80
C GLU A 113 -41.02 -23.45 16.75
N LEU A 114 -40.84 -22.89 17.97
CA LEU A 114 -40.14 -23.58 19.04
C LEU A 114 -41.09 -23.86 20.19
N THR A 115 -40.82 -24.92 20.91
CA THR A 115 -41.57 -25.25 22.12
C THR A 115 -40.66 -25.00 23.32
N ALA A 116 -41.08 -24.10 24.21
CA ALA A 116 -40.36 -23.81 25.44
C ALA A 116 -40.19 -25.07 26.27
N GLY A 117 -39.07 -25.15 27.01
CA GLY A 117 -38.86 -26.26 27.94
C GLY A 117 -38.39 -27.57 27.33
N VAL A 118 -38.18 -27.63 26.02
CA VAL A 118 -37.61 -28.82 25.38
C VAL A 118 -36.58 -28.37 24.35
N PRO A 119 -35.70 -29.28 23.91
CA PRO A 119 -34.68 -28.87 22.92
C PRO A 119 -35.30 -28.74 21.53
N ASN A 120 -34.89 -27.70 20.79
CA ASN A 120 -35.40 -27.42 19.44
C ASN A 120 -34.25 -27.18 18.48
N LYS A 121 -34.30 -27.77 17.27
CA LYS A 121 -33.37 -27.34 16.22
C LYS A 121 -33.79 -25.95 15.76
N VAL A 122 -32.97 -24.95 15.99
CA VAL A 122 -33.33 -23.58 15.61
C VAL A 122 -33.02 -23.32 14.15
N GLY A 123 -31.83 -23.71 13.71
CA GLY A 123 -31.45 -23.41 12.36
C GLY A 123 -30.02 -23.82 12.08
N THR A 124 -29.65 -23.60 10.83
CA THR A 124 -28.36 -23.97 10.27
C THR A 124 -27.82 -22.77 9.52
N CYS A 125 -26.58 -22.43 9.79
CA CYS A 125 -25.92 -21.30 9.17
C CYS A 125 -24.75 -21.79 8.35
N VAL A 126 -24.51 -21.18 7.19
CA VAL A 126 -23.41 -21.61 6.31
C VAL A 126 -22.60 -20.39 5.91
N SER A 127 -21.27 -20.57 5.87
CA SER A 127 -20.35 -19.53 5.40
CA SER A 127 -20.36 -19.54 5.39
C SER A 127 -19.40 -20.18 4.39
N GLU A 128 -19.31 -19.61 3.19
CA GLU A 128 -18.47 -20.20 2.14
C GLU A 128 -17.31 -19.30 1.73
N GLY A 129 -16.13 -19.89 1.71
CA GLY A 129 -14.99 -19.32 1.04
C GLY A 129 -13.98 -18.63 1.92
N SER A 130 -13.83 -19.04 3.18
CA SER A 130 -12.87 -18.37 4.05
C SER A 130 -11.50 -19.03 3.99
N TYR A 131 -10.48 -18.25 4.36
CA TYR A 131 -9.17 -18.82 4.69
C TYR A 131 -8.50 -17.90 5.70
N PRO A 132 -7.95 -18.43 6.83
CA PRO A 132 -8.13 -19.80 7.35
C PRO A 132 -9.60 -20.05 7.69
N ALA A 133 -9.97 -21.21 8.24
CA ALA A 133 -11.40 -21.57 8.28
C ALA A 133 -12.25 -20.50 8.98
N GLY A 134 -11.82 -20.02 10.13
CA GLY A 134 -12.72 -19.15 10.92
C GLY A 134 -13.76 -19.96 11.66
N THR A 135 -14.73 -19.26 12.27
CA THR A 135 -15.78 -19.93 13.06
C THR A 135 -17.08 -19.17 12.91
N LEU A 136 -18.18 -19.89 13.10
CA LEU A 136 -19.51 -19.30 13.15
C LEU A 136 -19.98 -19.22 14.60
N SER A 137 -20.67 -18.12 14.94
CA SER A 137 -21.21 -17.89 16.27
C SER A 137 -22.68 -17.56 16.15
N TRP A 138 -23.43 -17.93 17.16
CA TRP A 138 -24.84 -17.60 17.23
C TRP A 138 -25.10 -16.52 18.29
N HIS A 139 -26.18 -15.75 18.08
CA HIS A 139 -26.57 -14.68 19.00
C HIS A 139 -28.07 -14.72 19.19
N LEU A 140 -28.52 -14.40 20.41
CA LEU A 140 -29.94 -14.27 20.74
C LEU A 140 -30.20 -12.84 21.20
N ASP A 141 -30.93 -12.09 20.37
CA ASP A 141 -31.33 -10.70 20.65
C ASP A 141 -30.12 -9.78 20.89
N GLY A 142 -29.06 -10.01 20.11
CA GLY A 142 -27.86 -9.20 20.21
C GLY A 142 -26.84 -9.68 21.23
N LYS A 143 -27.18 -10.66 22.08
CA LYS A 143 -26.17 -11.15 23.01
C LYS A 143 -25.60 -12.48 22.52
N PRO A 144 -24.30 -12.72 22.65
CA PRO A 144 -23.73 -14.00 22.20
C PRO A 144 -24.37 -15.19 22.90
N LEU A 145 -24.58 -16.25 22.12
CA LEU A 145 -25.11 -17.53 22.60
C LEU A 145 -23.94 -18.48 22.82
N VAL A 146 -23.78 -18.97 24.03
CA VAL A 146 -22.59 -19.73 24.41
C VAL A 146 -22.95 -21.21 24.43
N PRO A 147 -22.30 -22.05 23.62
CA PRO A 147 -22.57 -23.49 23.69
C PRO A 147 -22.32 -24.03 25.08
N ASN A 148 -23.11 -25.05 25.45
CA ASN A 148 -23.09 -25.76 26.71
C ASN A 148 -23.51 -24.91 27.90
N GLU A 149 -23.85 -23.64 27.69
CA GLU A 149 -24.33 -22.77 28.75
C GLU A 149 -25.79 -22.41 28.48
N LYS A 150 -26.69 -22.79 29.40
CA LYS A 150 -28.10 -22.38 29.39
C LYS A 150 -28.89 -23.07 28.28
N GLY A 151 -28.81 -24.41 28.23
CA GLY A 151 -29.63 -25.19 27.29
C GLY A 151 -29.35 -24.91 25.81
N VAL A 152 -28.12 -24.50 25.49
CA VAL A 152 -27.66 -24.20 24.12
C VAL A 152 -26.73 -25.32 23.71
N SER A 153 -26.93 -25.87 22.51
CA SER A 153 -26.04 -26.86 21.91
C SER A 153 -25.73 -26.44 20.47
N VAL A 154 -24.49 -26.63 20.04
CA VAL A 154 -24.10 -26.26 18.68
C VAL A 154 -23.26 -27.41 18.13
N LYS A 155 -23.51 -27.76 16.87
CA LYS A 155 -22.63 -28.67 16.16
C LYS A 155 -22.08 -27.95 14.93
N GLU A 156 -20.84 -28.25 14.55
CA GLU A 156 -20.23 -27.54 13.43
C GLU A 156 -19.48 -28.50 12.54
N GLN A 157 -19.34 -28.10 11.27
CA GLN A 157 -18.73 -28.88 10.21
C GLN A 157 -17.87 -27.95 9.36
N THR A 158 -16.69 -28.41 8.97
CA THR A 158 -15.79 -27.68 8.09
C THR A 158 -15.51 -28.54 6.87
N ARG A 159 -15.67 -27.99 5.68
CA ARG A 159 -15.33 -28.66 4.42
C ARG A 159 -14.38 -27.79 3.64
N ARG A 160 -13.58 -28.41 2.75
CA ARG A 160 -12.64 -27.63 1.97
C ARG A 160 -12.95 -27.77 0.50
N HIS A 161 -12.86 -26.66 -0.22
CA HIS A 161 -13.10 -26.73 -1.67
C HIS A 161 -11.94 -27.55 -2.26
N PRO A 162 -12.21 -28.58 -3.07
CA PRO A 162 -11.12 -29.49 -3.53
C PRO A 162 -10.10 -28.85 -4.41
N GLU A 163 -10.41 -27.71 -5.04
CA GLU A 163 -9.41 -27.04 -5.85
C GLU A 163 -8.88 -25.76 -5.21
N THR A 164 -9.71 -24.93 -4.61
CA THR A 164 -9.16 -23.66 -4.10
C THR A 164 -8.63 -23.77 -2.71
N GLY A 165 -9.03 -24.81 -1.95
CA GLY A 165 -8.62 -24.91 -0.58
C GLY A 165 -9.34 -24.01 0.38
N LEU A 166 -10.29 -23.22 -0.09
CA LEU A 166 -11.05 -22.35 0.81
C LEU A 166 -12.10 -23.14 1.59
N PHE A 167 -12.42 -22.65 2.76
CA PHE A 167 -13.29 -23.41 3.69
C PHE A 167 -14.75 -23.02 3.63
N THR A 168 -15.63 -24.03 3.77
CA THR A 168 -17.05 -23.80 3.99
C THR A 168 -17.37 -24.31 5.40
N LEU A 169 -18.03 -23.47 6.19
CA LEU A 169 -18.43 -23.83 7.53
C LEU A 169 -19.94 -23.97 7.60
N GLN A 170 -20.41 -24.95 8.37
CA GLN A 170 -21.84 -25.14 8.60
CA GLN A 170 -21.83 -25.14 8.59
C GLN A 170 -22.02 -25.30 10.09
N SER A 171 -22.99 -24.56 10.66
CA SER A 171 -23.20 -24.60 12.09
C SER A 171 -24.70 -24.82 12.39
N GLU A 172 -25.03 -25.77 13.26
CA GLU A 172 -26.40 -26.07 13.64
C GLU A 172 -26.64 -25.70 15.09
N LEU A 173 -27.70 -24.95 15.34
CA LEU A 173 -27.99 -24.43 16.67
C LEU A 173 -29.21 -25.14 17.21
N MET A 174 -29.10 -25.65 18.43
CA MET A 174 -30.25 -26.16 19.17
C MET A 174 -30.40 -25.40 20.47
N VAL A 175 -31.64 -25.11 20.86
CA VAL A 175 -31.86 -24.41 22.13
C VAL A 175 -33.06 -25.02 22.86
N THR A 176 -33.02 -24.93 24.18
CA THR A 176 -34.18 -25.21 25.02
C THR A 176 -34.69 -23.87 25.56
N PRO A 177 -35.77 -23.33 24.99
CA PRO A 177 -36.19 -22.00 25.40
C PRO A 177 -36.73 -22.07 26.82
N ALA A 178 -36.51 -20.99 27.57
CA ALA A 178 -36.93 -20.91 28.96
C ALA A 178 -38.42 -20.55 29.04
N ARG A 179 -39.13 -21.21 29.95
CA ARG A 179 -40.54 -20.89 30.16
C ARG A 179 -40.72 -19.42 30.53
N GLY A 180 -41.82 -18.84 30.07
CA GLY A 180 -42.04 -17.42 30.29
C GLY A 180 -40.99 -16.52 29.68
N GLY A 181 -40.32 -16.97 28.62
CA GLY A 181 -39.33 -16.17 27.94
C GLY A 181 -39.94 -15.33 26.81
N ASP A 182 -39.07 -14.79 25.98
CA ASP A 182 -39.52 -13.99 24.84
C ASP A 182 -40.29 -14.87 23.83
N PRO A 183 -41.53 -14.53 23.47
CA PRO A 183 -42.27 -15.36 22.50
C PRO A 183 -41.91 -15.05 21.04
N ARG A 184 -41.14 -14.00 20.77
CA ARG A 184 -40.70 -13.72 19.41
C ARG A 184 -39.20 -13.39 19.37
N PRO A 185 -38.31 -14.34 19.75
CA PRO A 185 -36.86 -14.05 19.78
C PRO A 185 -36.27 -13.88 18.39
N THR A 186 -35.07 -13.30 18.36
CA THR A 186 -34.35 -13.13 17.12
C THR A 186 -32.98 -13.77 17.31
N PHE A 187 -32.73 -14.82 16.52
CA PHE A 187 -31.45 -15.52 16.45
C PHE A 187 -30.71 -15.06 15.22
N SER A 188 -29.39 -14.84 15.36
CA SER A 188 -28.61 -14.46 14.21
C SER A 188 -27.30 -15.27 14.22
N CYS A 189 -26.68 -15.35 13.07
CA CYS A 189 -25.40 -16.04 12.90
C CYS A 189 -24.36 -15.08 12.32
N SER A 190 -23.15 -15.14 12.85
CA SER A 190 -22.06 -14.26 12.44
C SER A 190 -20.78 -15.08 12.24
N PHE A 191 -19.90 -14.59 11.37
CA PHE A 191 -18.62 -15.22 11.06
C PHE A 191 -17.51 -14.41 11.70
N SER A 192 -16.59 -15.10 12.37
CA SER A 192 -15.40 -14.49 12.95
C SER A 192 -14.17 -15.07 12.27
N PRO A 193 -13.31 -14.25 11.67
CA PRO A 193 -12.13 -14.76 10.98
C PRO A 193 -11.13 -15.45 11.89
N GLY A 194 -10.35 -16.33 11.28
CA GLY A 194 -9.24 -17.00 11.93
C GLY A 194 -7.83 -16.40 11.77
N LEU A 195 -7.69 -15.06 11.65
CA LEU A 195 -6.38 -14.41 11.42
C LEU A 195 -5.74 -14.88 10.10
N ALA A 204 -30.20 -12.57 7.28
CA ALA A 204 -31.63 -12.79 7.53
C ALA A 204 -31.85 -13.61 8.81
N PRO A 205 -31.97 -12.90 9.94
CA PRO A 205 -32.12 -13.57 11.24
C PRO A 205 -33.31 -14.52 11.30
N ILE A 206 -33.28 -15.43 12.28
CA ILE A 206 -34.34 -16.40 12.51
C ILE A 206 -35.25 -15.85 13.60
N GLN A 207 -36.54 -15.68 13.26
CA GLN A 207 -37.53 -15.09 14.16
C GLN A 207 -38.71 -16.04 14.28
N PRO A 208 -38.59 -17.09 15.08
CA PRO A 208 -39.69 -18.04 15.24
C PRO A 208 -40.64 -17.60 16.35
N ARG A 209 -41.78 -18.28 16.38
CA ARG A 209 -42.72 -18.18 17.48
C ARG A 209 -42.39 -19.25 18.52
N VAL A 210 -42.41 -18.87 19.80
CA VAL A 210 -42.16 -19.82 20.88
C VAL A 210 -43.46 -20.09 21.63
N TRP A 211 -43.78 -21.37 21.80
CA TRP A 211 -45.01 -21.86 22.43
C TRP A 211 -44.72 -22.22 23.88
N GLU A 212 -45.28 -21.45 24.81
CA GLU A 212 -45.13 -21.75 26.22
C GLU A 212 -46.02 -22.93 26.57
N GLY B 1 -11.23 17.80 -15.77
CA GLY B 1 -11.34 16.37 -15.93
C GLY B 1 -12.50 15.83 -15.10
N ALA B 2 -12.53 14.53 -14.85
CA ALA B 2 -13.59 13.98 -14.02
C ALA B 2 -13.12 13.99 -12.56
N MET B 3 -14.05 13.68 -11.66
CA MET B 3 -13.71 13.47 -10.25
C MET B 3 -12.79 12.27 -10.14
N ALA B 4 -11.62 12.44 -9.55
CA ALA B 4 -10.71 11.32 -9.49
C ALA B 4 -10.03 11.26 -8.13
N GLN B 5 -9.45 10.12 -7.85
CA GLN B 5 -8.58 9.99 -6.70
CA GLN B 5 -8.57 9.97 -6.70
C GLN B 5 -7.17 10.43 -7.10
N ASN B 6 -6.60 11.41 -6.37
CA ASN B 6 -5.24 11.90 -6.69
C ASN B 6 -4.23 10.91 -6.10
N ILE B 7 -3.28 10.44 -6.91
CA ILE B 7 -2.24 9.48 -6.51
C ILE B 7 -0.91 10.19 -6.67
N THR B 8 -0.04 10.13 -5.65
CA THR B 8 1.35 10.59 -5.77
C THR B 8 2.25 9.35 -5.73
N ALA B 9 3.08 9.20 -6.74
CA ALA B 9 3.87 7.99 -6.89
C ALA B 9 5.32 8.42 -7.01
N ARG B 10 6.17 7.81 -6.19
CA ARG B 10 7.58 8.12 -6.19
C ARG B 10 8.23 7.47 -7.39
N ILE B 11 9.05 8.25 -8.09
CA ILE B 11 9.76 7.71 -9.26
C ILE B 11 10.64 6.52 -8.88
N GLY B 12 10.63 5.51 -9.74
CA GLY B 12 11.45 4.34 -9.50
C GLY B 12 10.75 3.27 -8.67
N GLU B 13 9.61 3.60 -8.01
CA GLU B 13 8.88 2.66 -7.13
C GLU B 13 7.70 2.07 -7.89
N PRO B 14 7.22 0.86 -7.50
CA PRO B 14 6.03 0.32 -8.15
C PRO B 14 4.77 1.06 -7.77
N LEU B 15 3.74 0.91 -8.62
CA LEU B 15 2.46 1.49 -8.38
C LEU B 15 1.40 0.46 -8.74
N VAL B 16 0.43 0.26 -7.85
CA VAL B 16 -0.71 -0.63 -8.07
C VAL B 16 -1.97 0.22 -8.01
N LEU B 17 -2.77 0.21 -9.08
CA LEU B 17 -4.02 0.95 -9.10
C LEU B 17 -5.16 -0.05 -9.16
N LYS B 18 -6.09 0.08 -8.23
CA LYS B 18 -7.20 -0.89 -8.10
C LYS B 18 -8.29 -0.63 -9.13
N CYS B 19 -8.80 -1.69 -9.73
CA CYS B 19 -9.98 -1.57 -10.63
C CYS B 19 -11.18 -1.94 -9.79
N LYS B 20 -11.90 -0.93 -9.29
CA LYS B 20 -13.02 -1.17 -8.40
C LYS B 20 -14.15 -1.92 -9.11
N GLY B 21 -14.85 -2.80 -8.36
CA GLY B 21 -15.98 -3.50 -8.97
C GLY B 21 -15.64 -4.58 -9.97
N ALA B 22 -14.32 -5.01 -10.05
CA ALA B 22 -14.01 -6.10 -10.94
C ALA B 22 -14.12 -7.41 -10.19
N PRO B 23 -14.51 -8.49 -10.86
CA PRO B 23 -14.43 -9.83 -10.24
C PRO B 23 -13.03 -10.11 -9.69
N LYS B 24 -12.95 -10.97 -8.67
CA LYS B 24 -11.70 -11.17 -7.94
C LYS B 24 -10.62 -11.86 -8.77
N LYS B 25 -11.02 -12.60 -9.79
CA LYS B 25 -10.08 -13.35 -10.62
C LYS B 25 -10.73 -13.48 -11.98
N PRO B 26 -9.97 -13.86 -13.01
CA PRO B 26 -10.58 -14.00 -14.34
C PRO B 26 -11.63 -15.10 -14.34
N PRO B 27 -12.61 -15.03 -15.25
CA PRO B 27 -12.76 -14.07 -16.35
C PRO B 27 -13.38 -12.72 -15.91
N GLN B 28 -12.87 -11.59 -16.41
CA GLN B 28 -13.32 -10.25 -16.03
C GLN B 28 -13.56 -9.41 -17.27
N ARG B 29 -14.68 -8.71 -17.27
CA ARG B 29 -14.98 -7.73 -18.33
C ARG B 29 -14.50 -6.40 -17.78
N LEU B 30 -13.24 -6.12 -18.09
CA LEU B 30 -12.67 -4.84 -17.63
C LEU B 30 -11.73 -4.27 -18.67
N GLU B 31 -11.57 -2.96 -18.62
CA GLU B 31 -10.63 -2.31 -19.55
C GLU B 31 -9.95 -1.14 -18.83
N TRP B 32 -8.64 -1.04 -19.01
CA TRP B 32 -7.92 0.13 -18.47
C TRP B 32 -7.64 1.08 -19.64
N LYS B 33 -7.71 2.38 -19.38
CA LYS B 33 -7.37 3.42 -20.38
C LYS B 33 -6.43 4.37 -19.66
N LEU B 34 -5.36 4.76 -20.32
CA LEU B 34 -4.44 5.74 -19.72
C LEU B 34 -4.07 6.84 -20.70
N ASN B 35 -3.89 8.04 -20.17
CA ASN B 35 -3.39 9.17 -20.98
C ASN B 35 -2.24 9.74 -20.17
N THR B 36 -1.00 9.47 -20.60
CA THR B 36 0.18 9.90 -19.88
C THR B 36 1.18 10.51 -20.83
N GLY B 37 2.35 10.85 -20.31
CA GLY B 37 3.43 11.28 -21.16
C GLY B 37 3.88 10.24 -22.14
N ARG B 38 3.54 8.96 -21.93
CA ARG B 38 3.86 7.90 -22.88
C ARG B 38 2.84 7.76 -24.00
N THR B 39 1.66 8.39 -23.93
CA THR B 39 0.60 8.03 -24.88
C THR B 39 0.29 9.19 -25.82
N GLU B 40 -0.34 8.83 -26.95
CA GLU B 40 -1.01 9.81 -27.81
C GLU B 40 -2.50 9.74 -27.41
N ALA B 41 -2.95 10.65 -26.57
CA ALA B 41 -4.36 10.64 -26.05
C ALA B 41 -4.57 9.33 -25.29
N TRP B 42 -5.72 8.66 -25.39
CA TRP B 42 -5.95 7.47 -24.59
CA TRP B 42 -5.95 7.47 -24.59
C TRP B 42 -5.32 6.23 -25.23
N LYS B 43 -4.68 5.43 -24.40
CA LYS B 43 -4.23 4.10 -24.75
C LYS B 43 -5.03 3.08 -23.93
N VAL B 44 -5.55 2.03 -24.61
CA VAL B 44 -6.31 0.97 -23.93
C VAL B 44 -5.40 -0.22 -23.60
N LEU B 45 -5.46 -0.70 -22.36
CA LEU B 45 -4.73 -1.88 -21.87
C LEU B 45 -5.74 -2.91 -21.38
N SER B 46 -5.55 -4.18 -21.77
CA SER B 46 -6.50 -5.25 -21.48
C SER B 46 -5.88 -6.32 -20.58
N PRO B 47 -6.70 -7.18 -19.93
CA PRO B 47 -6.12 -8.29 -19.16
C PRO B 47 -5.20 -9.16 -19.98
N GLN B 48 -5.41 -9.30 -21.30
CA GLN B 48 -4.53 -10.16 -22.13
C GLN B 48 -3.13 -9.57 -22.27
N GLY B 49 -3.00 -8.24 -22.29
CA GLY B 49 -1.66 -7.69 -22.36
C GLY B 49 -1.00 -7.96 -23.69
N GLY B 50 0.31 -8.05 -23.67
CA GLY B 50 1.09 -8.24 -24.87
C GLY B 50 1.80 -6.95 -25.30
N GLY B 51 2.91 -7.13 -26.03
CA GLY B 51 3.62 -6.04 -26.64
C GLY B 51 4.48 -5.23 -25.70
N PRO B 52 5.00 -4.11 -26.23
CA PRO B 52 5.91 -3.23 -25.46
C PRO B 52 5.32 -2.76 -24.15
N TRP B 53 3.99 -2.58 -24.07
CA TRP B 53 3.40 -2.08 -22.84
C TRP B 53 3.56 -3.04 -21.68
N ASP B 54 3.69 -4.37 -21.94
CA ASP B 54 3.93 -5.31 -20.85
C ASP B 54 5.15 -4.95 -20.02
N SER B 55 6.12 -4.21 -20.57
CA SER B 55 7.27 -3.78 -19.79
C SER B 55 6.97 -2.57 -18.90
N VAL B 56 5.84 -1.91 -19.11
CA VAL B 56 5.57 -0.63 -18.47
C VAL B 56 4.40 -0.74 -17.52
N ALA B 57 3.29 -1.35 -17.99
CA ALA B 57 2.07 -1.43 -17.18
C ALA B 57 1.33 -2.68 -17.60
N ARG B 58 0.95 -3.51 -16.61
CA ARG B 58 0.30 -4.80 -16.83
C ARG B 58 -0.92 -4.91 -15.95
N VAL B 59 -1.99 -5.53 -16.49
CA VAL B 59 -3.17 -5.84 -15.69
C VAL B 59 -2.93 -7.14 -14.91
N LEU B 60 -3.16 -7.10 -13.63
CA LEU B 60 -2.88 -8.23 -12.73
C LEU B 60 -4.06 -9.19 -12.70
N PRO B 61 -3.89 -10.41 -12.14
CA PRO B 61 -5.05 -11.33 -12.07
C PRO B 61 -6.26 -10.75 -11.39
N ASN B 62 -6.11 -9.92 -10.36
CA ASN B 62 -7.27 -9.29 -9.75
C ASN B 62 -7.77 -8.06 -10.54
N GLY B 63 -7.23 -7.78 -11.73
CA GLY B 63 -7.71 -6.62 -12.51
C GLY B 63 -7.06 -5.29 -12.17
N SER B 64 -6.25 -5.21 -11.13
CA SER B 64 -5.47 -3.99 -10.87
C SER B 64 -4.41 -3.75 -11.96
N LEU B 65 -4.07 -2.47 -12.16
CA LEU B 65 -2.98 -2.10 -13.07
C LEU B 65 -1.69 -1.96 -12.29
N PHE B 66 -0.64 -2.59 -12.79
CA PHE B 66 0.65 -2.63 -12.09
C PHE B 66 1.72 -1.99 -12.96
N LEU B 67 2.42 -1.01 -12.37
CA LEU B 67 3.61 -0.40 -12.97
C LEU B 67 4.80 -0.78 -12.13
N PRO B 68 5.75 -1.55 -12.66
CA PRO B 68 6.89 -2.02 -11.81
C PRO B 68 7.81 -0.90 -11.36
N ALA B 69 7.96 0.17 -12.14
CA ALA B 69 8.84 1.27 -11.68
C ALA B 69 8.37 2.55 -12.38
N VAL B 70 7.71 3.42 -11.62
CA VAL B 70 7.09 4.61 -12.20
C VAL B 70 8.17 5.58 -12.69
N GLY B 71 7.90 6.25 -13.83
CA GLY B 71 8.81 7.29 -14.30
C GLY B 71 8.07 8.59 -14.51
N ILE B 72 8.84 9.63 -14.80
CA ILE B 72 8.24 10.95 -15.09
C ILE B 72 7.17 10.85 -16.15
N GLN B 73 7.39 10.00 -17.20
CA GLN B 73 6.41 9.97 -18.30
C GLN B 73 5.12 9.25 -17.92
N ASP B 74 5.05 8.66 -16.73
CA ASP B 74 3.81 8.02 -16.33
C ASP B 74 2.85 8.96 -15.63
N GLU B 75 3.22 10.24 -15.47
CA GLU B 75 2.25 11.25 -15.02
C GLU B 75 1.05 11.33 -15.97
N GLY B 76 -0.18 11.37 -15.41
CA GLY B 76 -1.36 11.55 -16.28
C GLY B 76 -2.60 10.97 -15.61
N ILE B 77 -3.49 10.42 -16.44
CA ILE B 77 -4.83 9.95 -15.99
C ILE B 77 -4.96 8.50 -16.28
N PHE B 78 -5.50 7.74 -15.33
CA PHE B 78 -5.64 6.28 -15.48
C PHE B 78 -7.10 5.93 -15.13
N ARG B 79 -7.75 5.13 -15.94
CA ARG B 79 -9.17 4.82 -15.75
C ARG B 79 -9.43 3.35 -15.95
N CYS B 80 -10.32 2.78 -15.12
CA CYS B 80 -10.74 1.42 -15.29
C CYS B 80 -12.25 1.43 -15.44
N GLN B 81 -12.75 0.55 -16.30
CA GLN B 81 -14.20 0.34 -16.44
C GLN B 81 -14.42 -1.15 -16.30
N ALA B 82 -15.26 -1.55 -15.35
CA ALA B 82 -15.40 -2.99 -15.12
C ALA B 82 -16.88 -3.33 -14.99
N MET B 83 -17.25 -4.56 -15.35
CA MET B 83 -18.57 -5.12 -15.01
C MET B 83 -18.42 -6.29 -14.05
N ASN B 84 -19.22 -6.30 -12.97
CA ASN B 84 -19.21 -7.43 -12.04
C ASN B 84 -20.12 -8.57 -12.56
N ARG B 85 -20.32 -9.61 -11.73
CA ARG B 85 -21.11 -10.77 -12.15
C ARG B 85 -22.59 -10.43 -12.31
N ASN B 86 -23.11 -9.52 -11.47
CA ASN B 86 -24.48 -9.02 -11.63
C ASN B 86 -24.65 -8.33 -12.98
N GLY B 87 -23.68 -7.49 -13.37
CA GLY B 87 -23.74 -6.74 -14.62
C GLY B 87 -23.60 -5.24 -14.40
N LYS B 88 -23.45 -4.83 -13.13
CA LYS B 88 -23.28 -3.41 -12.79
C LYS B 88 -21.90 -2.93 -13.27
N GLU B 89 -21.86 -1.76 -13.93
CA GLU B 89 -20.60 -1.18 -14.37
C GLU B 89 -20.05 -0.22 -13.29
N THR B 90 -18.73 -0.31 -13.02
CA THR B 90 -18.08 0.55 -12.06
C THR B 90 -16.85 1.19 -12.74
N LYS B 91 -16.66 2.50 -12.56
CA LYS B 91 -15.50 3.24 -13.08
C LYS B 91 -14.56 3.60 -11.95
N SER B 92 -13.23 3.59 -12.25
CA SER B 92 -12.20 4.00 -11.33
C SER B 92 -11.41 5.06 -12.08
N ASN B 93 -11.20 6.20 -11.46
CA ASN B 93 -10.52 7.32 -12.10
CA ASN B 93 -10.54 7.35 -12.08
C ASN B 93 -9.40 7.79 -11.19
N TYR B 94 -8.17 7.78 -11.71
CA TYR B 94 -6.99 8.16 -10.95
C TYR B 94 -6.25 9.26 -11.66
N ARG B 95 -5.78 10.23 -10.90
CA ARG B 95 -4.89 11.27 -11.43
C ARG B 95 -3.55 11.04 -10.79
N VAL B 96 -2.55 10.63 -11.58
CA VAL B 96 -1.27 10.19 -11.05
C VAL B 96 -0.23 11.29 -11.27
N ARG B 97 0.41 11.71 -10.18
CA ARG B 97 1.49 12.69 -10.19
CA ARG B 97 1.50 12.67 -10.22
C ARG B 97 2.73 12.03 -9.62
N VAL B 98 3.90 12.29 -10.19
CA VAL B 98 5.08 11.58 -9.75
C VAL B 98 6.02 12.57 -9.09
N TYR B 99 6.87 12.04 -8.23
CA TYR B 99 7.82 12.90 -7.53
C TYR B 99 9.10 12.14 -7.22
N GLN B 100 10.16 12.92 -6.93
CA GLN B 100 11.39 12.36 -6.40
C GLN B 100 11.92 13.29 -5.33
N ILE B 101 12.45 12.68 -4.27
CA ILE B 101 12.99 13.40 -3.14
C ILE B 101 14.48 13.67 -3.39
N PRO B 102 14.96 14.91 -3.31
CA PRO B 102 16.37 15.15 -3.59
C PRO B 102 17.23 14.75 -2.39
N GLY B 103 18.53 14.78 -2.59
CA GLY B 103 19.45 14.71 -1.47
C GLY B 103 19.32 15.92 -0.55
N LYS B 104 19.91 15.79 0.63
CA LYS B 104 19.89 16.89 1.58
C LYS B 104 20.49 18.14 0.95
N PRO B 105 19.93 19.31 1.21
CA PRO B 105 20.52 20.54 0.71
C PRO B 105 21.89 20.73 1.35
N GLU B 106 22.81 21.30 0.59
CA GLU B 106 24.19 21.49 1.02
C GLU B 106 24.60 22.92 0.75
N ILE B 107 25.34 23.50 1.69
CA ILE B 107 25.97 24.79 1.49
C ILE B 107 27.31 24.58 0.80
N VAL B 108 27.52 25.30 -0.30
CA VAL B 108 28.73 25.10 -1.09
C VAL B 108 29.71 26.27 -1.10
N ASP B 109 29.37 27.51 -0.65
CA ASP B 109 30.38 28.58 -0.74
C ASP B 109 30.25 29.77 0.24
N SER B 110 30.25 29.52 1.54
CA SER B 110 29.78 30.42 2.61
C SER B 110 30.76 31.51 2.99
N ALA B 111 30.24 32.64 3.47
CA ALA B 111 31.11 33.72 3.91
C ALA B 111 31.47 33.48 5.36
N SER B 112 32.70 33.83 5.74
CA SER B 112 33.08 33.75 7.14
CA SER B 112 33.10 33.76 7.14
C SER B 112 32.93 35.08 7.87
N GLU B 113 32.93 36.21 7.13
CA GLU B 113 32.78 37.55 7.70
C GLU B 113 31.73 38.34 6.95
N LEU B 114 30.82 39.00 7.69
CA LEU B 114 29.92 39.98 7.10
C LEU B 114 30.18 41.35 7.72
N THR B 115 29.93 42.39 6.94
CA THR B 115 30.03 43.77 7.38
C THR B 115 28.61 44.34 7.46
N ALA B 116 28.21 44.76 8.66
CA ALA B 116 26.89 45.38 8.85
C ALA B 116 26.75 46.63 7.98
N GLY B 117 25.51 46.88 7.52
CA GLY B 117 25.20 48.09 6.77
C GLY B 117 25.56 48.10 5.29
N VAL B 118 26.09 47.00 4.77
CA VAL B 118 26.35 46.87 3.34
C VAL B 118 25.88 45.49 2.89
N PRO B 119 25.71 45.30 1.58
CA PRO B 119 25.28 43.97 1.10
C PRO B 119 26.45 42.98 1.12
N ASN B 120 26.16 41.74 1.54
CA ASN B 120 27.14 40.67 1.65
C ASN B 120 26.60 39.42 0.99
N LYS B 121 27.44 38.76 0.16
CA LYS B 121 27.12 37.40 -0.28
C LYS B 121 27.28 36.47 0.92
N VAL B 122 26.19 35.89 1.40
CA VAL B 122 26.25 35.01 2.57
C VAL B 122 26.67 33.61 2.16
N GLY B 123 26.08 33.07 1.09
CA GLY B 123 26.40 31.70 0.73
C GLY B 123 25.54 31.22 -0.41
N THR B 124 25.78 29.97 -0.78
CA THR B 124 25.10 29.29 -1.89
C THR B 124 24.66 27.93 -1.41
N CYS B 125 23.43 27.58 -1.68
CA CYS B 125 22.87 26.30 -1.28
C CYS B 125 22.52 25.52 -2.53
N VAL B 126 22.73 24.19 -2.51
CA VAL B 126 22.46 23.35 -3.68
C VAL B 126 21.63 22.17 -3.22
N SER B 127 20.61 21.81 -4.03
CA SER B 127 19.81 20.62 -3.81
C SER B 127 19.78 19.82 -5.10
N GLU B 128 20.18 18.54 -5.06
CA GLU B 128 20.22 17.70 -6.26
C GLU B 128 19.23 16.57 -6.23
N GLY B 129 18.47 16.45 -7.32
CA GLY B 129 17.72 15.27 -7.63
C GLY B 129 16.25 15.32 -7.33
N SER B 130 15.62 16.49 -7.38
CA SER B 130 14.19 16.55 -7.09
C SER B 130 13.33 16.38 -8.34
N TYR B 131 12.07 15.97 -8.12
CA TYR B 131 11.04 16.11 -9.16
C TYR B 131 9.69 16.25 -8.47
N PRO B 132 8.85 17.26 -8.83
CA PRO B 132 9.18 18.41 -9.68
C PRO B 132 10.27 19.27 -9.04
N ALA B 133 10.64 20.43 -9.62
CA ALA B 133 11.85 21.10 -9.16
C ALA B 133 11.83 21.40 -7.66
N GLY B 134 10.74 21.97 -7.17
CA GLY B 134 10.76 22.45 -5.77
C GLY B 134 11.47 23.78 -5.68
N THR B 135 11.71 24.24 -4.44
CA THR B 135 12.36 25.55 -4.24
C THR B 135 13.24 25.47 -3.00
N LEU B 136 14.24 26.34 -2.97
CA LEU B 136 15.09 26.51 -1.79
C LEU B 136 14.71 27.79 -1.06
N SER B 137 14.75 27.77 0.28
CA SER B 137 14.50 28.98 1.04
CA SER B 137 14.46 28.95 1.09
C SER B 137 15.57 29.12 2.12
N TRP B 138 15.76 30.35 2.52
CA TRP B 138 16.76 30.69 3.52
C TRP B 138 16.07 31.08 4.82
N HIS B 139 16.77 30.85 5.94
CA HIS B 139 16.28 31.17 7.26
C HIS B 139 17.38 31.82 8.07
N LEU B 140 17.00 32.79 8.92
CA LEU B 140 17.91 33.47 9.84
C LEU B 140 17.45 33.23 11.26
N ASP B 141 18.21 32.41 11.99
CA ASP B 141 17.95 32.06 13.40
C ASP B 141 16.56 31.43 13.58
N GLY B 142 16.17 30.59 12.62
CA GLY B 142 14.90 29.89 12.67
C GLY B 142 13.73 30.63 12.05
N LYS B 143 13.89 31.90 11.69
CA LYS B 143 12.77 32.58 11.05
C LYS B 143 12.98 32.68 9.54
N PRO B 144 11.96 32.47 8.72
CA PRO B 144 12.14 32.57 7.27
C PRO B 144 12.69 33.92 6.85
N LEU B 145 13.59 33.90 5.87
CA LEU B 145 14.15 35.09 5.25
C LEU B 145 13.39 35.35 3.97
N VAL B 146 12.80 36.52 3.85
CA VAL B 146 11.89 36.82 2.75
C VAL B 146 12.64 37.67 1.74
N PRO B 147 12.81 37.23 0.50
CA PRO B 147 13.45 38.07 -0.52
C PRO B 147 12.73 39.39 -0.73
N ASN B 148 13.51 40.39 -1.09
CA ASN B 148 13.13 41.76 -1.41
C ASN B 148 12.58 42.50 -0.20
N GLU B 149 12.52 41.86 0.97
CA GLU B 149 12.07 42.50 2.19
C GLU B 149 13.24 42.58 3.16
N LYS B 150 13.62 43.81 3.55
CA LYS B 150 14.57 44.07 4.65
C LYS B 150 16.02 43.70 4.27
N GLY B 151 16.49 44.25 3.15
CA GLY B 151 17.89 44.05 2.73
C GLY B 151 18.28 42.61 2.41
N VAL B 152 17.32 41.78 2.01
CA VAL B 152 17.54 40.38 1.64
C VAL B 152 17.34 40.29 0.14
N SER B 153 18.31 39.67 -0.57
CA SER B 153 18.10 39.37 -1.98
C SER B 153 18.56 37.94 -2.25
N VAL B 154 17.83 37.26 -3.12
CA VAL B 154 18.13 35.84 -3.43
C VAL B 154 18.11 35.67 -4.95
N LYS B 155 19.08 34.92 -5.50
CA LYS B 155 19.09 34.56 -6.94
C LYS B 155 18.99 33.03 -7.00
N GLU B 156 18.29 32.51 -7.98
CA GLU B 156 18.06 31.05 -8.04
C GLU B 156 18.30 30.53 -9.46
N GLN B 157 18.76 29.29 -9.54
CA GLN B 157 19.06 28.61 -10.79
C GLN B 157 18.50 27.18 -10.71
N THR B 158 17.89 26.73 -11.80
CA THR B 158 17.39 25.36 -11.93
C THR B 158 18.08 24.73 -13.12
N ARG B 159 18.63 23.54 -12.95
CA ARG B 159 19.21 22.75 -14.04
C ARG B 159 18.59 21.37 -14.03
N ARG B 160 18.56 20.70 -15.20
CA ARG B 160 17.96 19.37 -15.30
CA ARG B 160 17.95 19.38 -15.31
C ARG B 160 19.03 18.38 -15.68
N HIS B 161 19.03 17.21 -15.03
CA HIS B 161 19.96 16.16 -15.41
C HIS B 161 19.60 15.70 -16.82
N PRO B 162 20.55 15.64 -17.76
CA PRO B 162 20.19 15.37 -19.18
C PRO B 162 19.63 13.99 -19.42
N GLU B 163 19.86 13.02 -18.54
CA GLU B 163 19.23 11.71 -18.76
C GLU B 163 18.08 11.43 -17.82
N THR B 164 18.18 11.76 -16.52
CA THR B 164 17.07 11.37 -15.62
C THR B 164 15.96 12.39 -15.58
N GLY B 165 16.21 13.63 -16.00
CA GLY B 165 15.21 14.65 -15.89
C GLY B 165 15.01 15.21 -14.51
N LEU B 166 15.78 14.78 -13.52
CA LEU B 166 15.66 15.32 -12.16
C LEU B 166 16.33 16.68 -12.05
N PHE B 167 15.82 17.50 -11.16
CA PHE B 167 16.31 18.88 -11.04
C PHE B 167 17.38 19.11 -9.99
N THR B 168 18.32 19.99 -10.31
CA THR B 168 19.27 20.53 -9.34
C THR B 168 18.97 22.01 -9.18
N LEU B 169 18.82 22.46 -7.93
CA LEU B 169 18.56 23.84 -7.61
C LEU B 169 19.78 24.45 -6.95
N GLN B 170 20.08 25.71 -7.27
CA GLN B 170 21.16 26.44 -6.61
C GLN B 170 20.60 27.77 -6.22
N SER B 171 20.88 28.18 -4.98
CA SER B 171 20.31 29.42 -4.50
C SER B 171 21.40 30.25 -3.80
N GLU B 172 21.51 31.54 -4.15
CA GLU B 172 22.51 32.45 -3.59
C GLU B 172 21.83 33.52 -2.74
N LEU B 173 22.32 33.68 -1.52
CA LEU B 173 21.71 34.59 -0.56
C LEU B 173 22.63 35.76 -0.35
N MET B 174 22.09 36.98 -0.44
CA MET B 174 22.79 38.19 -0.04
C MET B 174 21.99 38.91 1.03
N VAL B 175 22.68 39.48 2.04
CA VAL B 175 21.97 40.22 3.08
C VAL B 175 22.74 41.49 3.41
N THR B 176 21.99 42.50 3.83
CA THR B 176 22.59 43.69 4.41
C THR B 176 22.30 43.64 5.90
N PRO B 177 23.28 43.27 6.73
CA PRO B 177 22.97 43.08 8.16
C PRO B 177 22.72 44.43 8.79
N ALA B 178 21.82 44.41 9.77
CA ALA B 178 21.41 45.61 10.48
C ALA B 178 22.42 45.98 11.56
N ARG B 179 22.72 47.27 11.65
CA ARG B 179 23.61 47.75 12.69
C ARG B 179 23.12 47.36 14.09
N GLY B 180 24.07 47.08 14.97
CA GLY B 180 23.74 46.61 16.31
C GLY B 180 22.96 45.31 16.34
N GLY B 181 23.12 44.46 15.32
CA GLY B 181 22.43 43.19 15.27
C GLY B 181 23.20 42.05 15.94
N ASP B 182 22.72 40.84 15.69
CA ASP B 182 23.38 39.66 16.24
C ASP B 182 24.77 39.53 15.64
N PRO B 183 25.83 39.45 16.45
CA PRO B 183 27.18 39.32 15.88
C PRO B 183 27.56 37.88 15.48
N ARG B 184 26.78 36.87 15.84
CA ARG B 184 27.04 35.50 15.41
C ARG B 184 25.74 34.84 14.91
N PRO B 185 25.16 35.36 13.81
CA PRO B 185 23.88 34.80 13.31
C PRO B 185 24.06 33.43 12.73
N THR B 186 22.94 32.73 12.55
CA THR B 186 22.94 31.42 11.94
C THR B 186 21.96 31.46 10.79
N PHE B 187 22.48 31.24 9.57
CA PHE B 187 21.71 31.12 8.33
C PHE B 187 21.60 29.66 7.96
N SER B 188 20.41 29.23 7.51
CA SER B 188 20.23 27.85 7.09
C SER B 188 19.45 27.85 5.78
N CYS B 189 19.57 26.77 5.04
CA CYS B 189 18.83 26.60 3.79
C CYS B 189 18.00 25.34 3.86
N SER B 190 16.76 25.41 3.36
CA SER B 190 15.86 24.27 3.38
C SER B 190 15.21 24.09 2.01
N PHE B 191 14.83 22.84 1.70
CA PHE B 191 14.18 22.50 0.44
C PHE B 191 12.71 22.26 0.74
N SER B 192 11.85 22.85 -0.08
CA SER B 192 10.42 22.64 -0.02
C SER B 192 9.94 22.04 -1.34
N PRO B 193 9.27 20.88 -1.32
CA PRO B 193 8.75 20.19 -2.50
C PRO B 193 7.67 20.95 -3.24
N PRO B 205 24.20 25.22 7.67
CA PRO B 205 24.31 26.08 8.87
C PRO B 205 25.50 27.07 8.72
N ILE B 206 25.25 28.28 8.21
CA ILE B 206 26.30 29.28 8.00
C ILE B 206 26.31 30.21 9.20
N GLN B 207 27.45 30.26 9.90
CA GLN B 207 27.59 31.03 11.13
C GLN B 207 28.79 31.96 11.01
N PRO B 208 28.62 33.09 10.32
CA PRO B 208 29.73 34.04 10.16
C PRO B 208 29.79 35.01 11.33
N ARG B 209 30.91 35.72 11.39
CA ARG B 209 31.05 36.84 12.31
C ARG B 209 30.61 38.09 11.58
N VAL B 210 29.83 38.93 12.26
CA VAL B 210 29.37 40.17 11.67
C VAL B 210 30.11 41.32 12.32
N TRP B 211 30.69 42.18 11.49
CA TRP B 211 31.52 43.29 11.93
C TRP B 211 30.66 44.54 11.99
N GLU B 212 30.49 45.07 13.19
CA GLU B 212 29.77 46.31 13.40
C GLU B 212 30.60 47.45 12.86
#